data_8J7Z
#
_entry.id   8J7Z
#
_cell.length_a   1.00
_cell.length_b   1.00
_cell.length_c   1.00
_cell.angle_alpha   90.00
_cell.angle_beta   90.00
_cell.angle_gamma   90.00
#
_symmetry.space_group_name_H-M   'P 1'
#
loop_
_entity.id
_entity.type
_entity.pdbx_description
1 polymer FCP
2 non-polymer "(3S,3'S,5R,5'R,6S,6'R,8'R)-3,5'-dihydroxy-8-oxo-6',7'-didehydro-5,5',6,6',7,8-hexahydro-5,6-epoxy-beta,beta-caroten-3'- yl acetate"
3 non-polymer 'CHLOROPHYLL A'
4 non-polymer 'Chlorophyll c2'
5 non-polymer 'Chlorophyll c1'
6 non-polymer 1,2-DI-O-ACYL-3-O-[6-DEOXY-6-SULFO-ALPHA-D-GLUCOPYRANOSYL]-SN-GLYCEROL
#
_entity_poly.entity_id   1
_entity_poly.type   'polypeptide(L)'
_entity_poly.pdbx_seq_one_letter_code
;AFEDELGAQPPLGFFDPFGMLSGDCTQERFDRLRYVEIKHGRIAQLAFLGQIVTRAGIHLPGSINYAGDSFDSFPNGVAA
LFGPNSIPTAGLVQIIAFIGVLECAFMRDVPGTGNEHVGDFRNGYIDFGWDSFDEETKLQKRAIELNNGRAAMMGILGLM
VHEEIIPLGYDPDLPIIGHLQ
;
_entity_poly.pdbx_strand_id   A,B,C
#
# COMPACT_ATOMS: atom_id res chain seq x y z
N ALA A 1 -27.01 7.76 -13.20
CA ALA A 1 -26.53 9.15 -13.11
C ALA A 1 -25.33 9.35 -14.03
N PHE A 2 -24.54 8.30 -14.23
CA PHE A 2 -23.37 8.35 -15.08
C PHE A 2 -23.54 7.53 -16.36
N GLU A 3 -24.78 7.20 -16.70
CA GLU A 3 -25.04 6.39 -17.89
C GLU A 3 -24.83 7.16 -19.19
N ASP A 4 -24.78 8.50 -19.13
CA ASP A 4 -24.55 9.31 -20.30
C ASP A 4 -23.16 9.93 -20.33
N GLU A 5 -22.28 9.52 -19.43
CA GLU A 5 -20.93 10.06 -19.38
C GLU A 5 -20.09 9.53 -20.54
N LEU A 6 -18.83 9.96 -20.58
CA LEU A 6 -17.92 9.50 -21.61
C LEU A 6 -17.62 8.02 -21.44
N GLY A 7 -17.57 7.31 -22.56
CA GLY A 7 -17.30 5.89 -22.57
C GLY A 7 -18.53 5.01 -22.68
N ALA A 8 -19.72 5.56 -22.43
CA ALA A 8 -20.97 4.82 -22.58
C ALA A 8 -21.45 5.03 -24.01
N GLN A 9 -21.05 4.12 -24.88
CA GLN A 9 -21.31 4.20 -26.31
C GLN A 9 -21.70 2.83 -26.85
N PRO A 10 -22.32 2.76 -28.02
CA PRO A 10 -22.68 1.46 -28.59
C PRO A 10 -21.46 0.60 -28.83
N PRO A 11 -21.61 -0.74 -28.89
CA PRO A 11 -22.89 -1.44 -28.78
C PRO A 11 -23.31 -1.78 -27.35
N LEU A 12 -22.36 -1.75 -26.42
CA LEU A 12 -22.68 -2.14 -25.05
C LEU A 12 -23.49 -1.07 -24.32
N GLY A 13 -23.34 0.20 -24.70
CA GLY A 13 -23.94 1.27 -23.94
C GLY A 13 -23.26 1.43 -22.60
N PHE A 14 -24.01 1.80 -21.57
CA PHE A 14 -23.44 1.88 -20.23
C PHE A 14 -23.17 0.47 -19.73
N PHE A 15 -21.89 0.15 -19.51
CA PHE A 15 -21.47 -1.19 -19.12
C PHE A 15 -20.79 -1.12 -17.76
N ASP A 16 -21.52 -1.49 -16.72
CA ASP A 16 -21.00 -1.53 -15.35
C ASP A 16 -21.33 -2.88 -14.75
N PRO A 17 -20.58 -3.93 -15.11
CA PRO A 17 -20.88 -5.26 -14.56
C PRO A 17 -20.73 -5.33 -13.04
N PHE A 18 -19.57 -4.96 -12.51
CA PHE A 18 -19.35 -5.07 -11.07
C PHE A 18 -20.12 -4.03 -10.28
N GLY A 19 -20.83 -3.12 -10.94
CA GLY A 19 -21.62 -2.12 -10.24
C GLY A 19 -20.80 -1.12 -9.45
N MET A 20 -19.70 -0.63 -10.03
CA MET A 20 -18.91 0.38 -9.35
C MET A 20 -19.70 1.67 -9.14
N LEU A 21 -20.59 2.00 -10.09
CA LEU A 21 -21.38 3.22 -10.03
C LEU A 21 -22.81 2.96 -9.54
N SER A 22 -23.07 1.80 -8.97
CA SER A 22 -24.41 1.49 -8.48
C SER A 22 -24.77 2.38 -7.30
N GLY A 23 -26.07 2.61 -7.13
CA GLY A 23 -26.53 3.45 -6.05
C GLY A 23 -26.23 4.92 -6.30
N ASP A 24 -26.18 5.68 -5.21
CA ASP A 24 -25.89 7.11 -5.28
C ASP A 24 -24.38 7.33 -5.26
N CYS A 25 -23.76 6.93 -6.37
CA CYS A 25 -22.33 7.12 -6.52
C CYS A 25 -22.00 8.60 -6.66
N THR A 26 -20.96 9.04 -5.97
CA THR A 26 -20.56 10.44 -6.01
C THR A 26 -19.74 10.72 -7.26
N GLN A 27 -19.69 12.00 -7.63
CA GLN A 27 -18.88 12.41 -8.77
C GLN A 27 -17.40 12.18 -8.52
N GLU A 28 -16.96 12.26 -7.26
CA GLU A 28 -15.56 12.03 -6.95
C GLU A 28 -15.14 10.59 -7.26
N ARG A 29 -16.00 9.62 -6.92
CA ARG A 29 -15.68 8.23 -7.18
C ARG A 29 -15.57 7.96 -8.68
N PHE A 30 -16.53 8.48 -9.46
CA PHE A 30 -16.47 8.30 -10.91
C PHE A 30 -15.26 9.00 -11.50
N ASP A 31 -14.91 10.18 -10.97
CA ASP A 31 -13.72 10.88 -11.45
C ASP A 31 -12.46 10.07 -11.17
N ARG A 32 -12.37 9.48 -9.98
CA ARG A 32 -11.22 8.63 -9.65
C ARG A 32 -11.15 7.43 -10.59
N LEU A 33 -12.30 6.77 -10.81
CA LEU A 33 -12.31 5.61 -11.70
C LEU A 33 -11.91 5.99 -13.12
N ARG A 34 -12.43 7.12 -13.63
CA ARG A 34 -12.10 7.56 -14.97
C ARG A 34 -10.63 7.96 -15.08
N TYR A 35 -10.09 8.59 -14.03
CA TYR A 35 -8.66 8.93 -14.04
C TYR A 35 -7.82 7.67 -14.11
N VAL A 36 -8.16 6.66 -13.30
CA VAL A 36 -7.42 5.41 -13.32
C VAL A 36 -7.52 4.75 -14.69
N GLU A 37 -8.72 4.73 -15.27
CA GLU A 37 -8.93 4.12 -16.57
C GLU A 37 -8.13 4.83 -17.65
N ILE A 38 -8.15 6.16 -17.65
CA ILE A 38 -7.45 6.92 -18.68
C ILE A 38 -5.94 6.74 -18.53
N LYS A 39 -5.44 6.76 -17.29
CA LYS A 39 -4.01 6.57 -17.07
C LYS A 39 -3.57 5.19 -17.53
N HIS A 40 -4.34 4.16 -17.18
CA HIS A 40 -4.02 2.81 -17.65
C HIS A 40 -4.07 2.72 -19.16
N GLY A 41 -5.05 3.38 -19.77
CA GLY A 41 -5.16 3.34 -21.22
C GLY A 41 -3.99 3.99 -21.91
N ARG A 42 -3.56 5.16 -21.42
CA ARG A 42 -2.39 5.82 -22.01
C ARG A 42 -1.14 4.97 -21.85
N ILE A 43 -0.93 4.42 -20.65
CA ILE A 43 0.25 3.60 -20.41
C ILE A 43 0.23 2.38 -21.32
N ALA A 44 -0.94 1.75 -21.47
CA ALA A 44 -1.04 0.55 -22.29
C ALA A 44 -0.90 0.87 -23.78
N GLN A 45 -1.38 2.03 -24.21
CA GLN A 45 -1.18 2.43 -25.61
C GLN A 45 0.30 2.61 -25.90
N LEU A 46 1.01 3.29 -25.01
CA LEU A 46 2.46 3.43 -25.19
C LEU A 46 3.15 2.08 -25.15
N ALA A 47 2.73 1.21 -24.25
CA ALA A 47 3.34 -0.11 -24.13
C ALA A 47 3.14 -0.93 -25.39
N PHE A 48 1.92 -0.91 -25.94
CA PHE A 48 1.67 -1.65 -27.18
C PHE A 48 2.45 -1.07 -28.35
N LEU A 49 2.52 0.26 -28.44
CA LEU A 49 3.29 0.87 -29.52
C LEU A 49 4.76 0.47 -29.42
N GLY A 50 5.32 0.51 -28.22
CA GLY A 50 6.72 0.12 -28.05
C GLY A 50 6.94 -1.35 -28.33
N GLN A 51 6.01 -2.20 -27.90
CA GLN A 51 6.12 -3.63 -28.14
C GLN A 51 6.12 -3.91 -29.63
N ILE A 52 5.21 -3.28 -30.37
CA ILE A 52 5.13 -3.48 -31.81
C ILE A 52 6.38 -2.96 -32.50
N VAL A 53 6.85 -1.77 -32.11
CA VAL A 53 8.03 -1.19 -32.74
C VAL A 53 9.25 -2.07 -32.51
N THR A 54 9.42 -2.56 -31.28
CA THR A 54 10.55 -3.41 -30.96
C THR A 54 10.47 -4.74 -31.69
N ARG A 55 9.28 -5.35 -31.75
CA ARG A 55 9.13 -6.63 -32.41
C ARG A 55 9.13 -6.53 -33.94
N ALA A 56 9.01 -5.33 -34.49
CA ALA A 56 9.06 -5.15 -35.93
C ALA A 56 10.49 -5.05 -36.45
N GLY A 57 11.48 -5.12 -35.58
CA GLY A 57 12.87 -5.00 -35.98
C GLY A 57 13.45 -3.62 -35.91
N ILE A 58 12.79 -2.68 -35.23
CA ILE A 58 13.26 -1.31 -35.10
C ILE A 58 13.85 -1.14 -33.71
N HIS A 59 15.13 -0.77 -33.66
CA HIS A 59 15.83 -0.58 -32.40
C HIS A 59 16.65 0.71 -32.47
N LEU A 60 16.91 1.29 -31.31
CA LEU A 60 17.73 2.49 -31.25
C LEU A 60 19.15 2.18 -31.69
N PRO A 61 19.80 3.07 -32.43
CA PRO A 61 21.19 2.83 -32.83
C PRO A 61 22.13 2.93 -31.65
N GLY A 62 23.23 2.18 -31.73
CA GLY A 62 24.25 2.23 -30.70
C GLY A 62 24.14 1.13 -29.67
N SER A 63 24.63 1.39 -28.47
CA SER A 63 24.64 0.40 -27.39
C SER A 63 23.98 1.00 -26.15
N ILE A 64 23.39 0.13 -25.34
CA ILE A 64 22.67 0.58 -24.16
C ILE A 64 23.60 0.92 -23.01
N ASN A 65 24.86 0.50 -23.05
CA ASN A 65 25.79 0.76 -21.98
C ASN A 65 27.20 0.83 -22.53
N TYR A 66 28.14 1.19 -21.66
CA TYR A 66 29.55 1.30 -22.07
C TYR A 66 30.17 -0.06 -22.34
N ALA A 67 29.55 -1.16 -21.88
CA ALA A 67 30.09 -2.48 -22.13
C ALA A 67 30.11 -2.80 -23.61
N GLY A 68 29.07 -2.39 -24.34
CA GLY A 68 29.00 -2.65 -25.76
C GLY A 68 27.76 -3.44 -26.16
N ASP A 69 26.86 -3.63 -25.20
CA ASP A 69 25.63 -4.36 -25.47
C ASP A 69 24.74 -3.53 -26.39
N SER A 70 24.66 -3.94 -27.65
CA SER A 70 23.87 -3.20 -28.63
C SER A 70 22.39 -3.27 -28.30
N PHE A 71 21.65 -2.24 -28.73
CA PHE A 71 20.21 -2.21 -28.48
C PHE A 71 19.51 -3.37 -29.18
N ASP A 72 19.90 -3.68 -30.41
CA ASP A 72 19.26 -4.75 -31.15
C ASP A 72 19.90 -6.10 -30.81
N SER A 73 20.02 -6.38 -29.51
CA SER A 73 20.48 -7.67 -29.04
C SER A 73 19.65 -8.25 -27.91
N PHE A 74 18.91 -7.42 -27.18
CA PHE A 74 18.04 -7.88 -26.11
C PHE A 74 16.74 -8.44 -26.69
N PRO A 75 16.09 -9.37 -25.98
CA PRO A 75 14.84 -9.95 -26.49
C PRO A 75 13.69 -8.95 -26.50
N ASN A 76 12.52 -9.41 -26.89
CA ASN A 76 11.34 -8.57 -27.00
C ASN A 76 10.35 -8.91 -25.89
N GLY A 77 9.76 -7.87 -25.30
CA GLY A 77 8.73 -8.07 -24.30
C GLY A 77 9.26 -8.17 -22.88
N VAL A 78 8.62 -9.03 -22.08
CA VAL A 78 8.99 -9.17 -20.67
C VAL A 78 10.44 -9.63 -20.53
N ALA A 79 10.93 -10.42 -21.49
CA ALA A 79 12.31 -10.88 -21.44
C ALA A 79 13.31 -9.74 -21.58
N ALA A 80 12.88 -8.60 -22.11
CA ALA A 80 13.77 -7.45 -22.23
C ALA A 80 14.00 -6.73 -20.91
N LEU A 81 13.05 -6.81 -19.98
CA LEU A 81 13.16 -6.16 -18.68
C LEU A 81 13.48 -7.14 -17.56
N PHE A 82 12.72 -8.23 -17.45
CA PHE A 82 12.90 -9.21 -16.39
C PHE A 82 13.30 -10.54 -17.02
N GLY A 83 14.55 -10.95 -16.78
CA GLY A 83 15.04 -12.21 -17.30
C GLY A 83 16.53 -12.33 -17.13
N PRO A 84 17.08 -13.48 -17.51
CA PRO A 84 18.54 -13.68 -17.42
C PRO A 84 19.28 -12.75 -18.37
N ASN A 85 18.84 -12.71 -19.62
CA ASN A 85 19.43 -11.88 -20.66
C ASN A 85 18.50 -10.71 -21.00
N SER A 86 18.56 -9.67 -20.17
CA SER A 86 17.72 -8.49 -20.33
C SER A 86 18.61 -7.26 -20.32
N ILE A 87 17.97 -6.09 -20.40
CA ILE A 87 18.69 -4.82 -20.33
C ILE A 87 19.27 -4.71 -18.92
N PRO A 88 20.35 -3.94 -18.72
CA PRO A 88 20.93 -3.84 -17.37
C PRO A 88 19.90 -3.32 -16.38
N THR A 89 19.91 -3.92 -15.19
CA THR A 89 18.96 -3.52 -14.15
C THR A 89 19.18 -2.07 -13.71
N ALA A 90 20.38 -1.52 -13.94
CA ALA A 90 20.56 -0.09 -13.74
C ALA A 90 19.69 0.70 -14.71
N GLY A 91 19.59 0.24 -15.96
CA GLY A 91 18.70 0.89 -16.91
C GLY A 91 17.24 0.82 -16.48
N LEU A 92 16.82 -0.34 -15.96
CA LEU A 92 15.44 -0.46 -15.49
C LEU A 92 15.18 0.45 -14.30
N VAL A 93 16.14 0.54 -13.37
CA VAL A 93 15.98 1.42 -12.22
C VAL A 93 15.89 2.87 -12.67
N GLN A 94 16.74 3.26 -13.63
CA GLN A 94 16.69 4.63 -14.13
C GLN A 94 15.38 4.92 -14.86
N ILE A 95 14.87 3.93 -15.61
CA ILE A 95 13.58 4.11 -16.28
C ILE A 95 12.48 4.30 -15.25
N ILE A 96 12.47 3.50 -14.20
CA ILE A 96 11.46 3.62 -13.16
C ILE A 96 11.57 4.98 -12.46
N ALA A 97 12.80 5.42 -12.20
CA ALA A 97 13.00 6.71 -11.55
C ALA A 97 12.53 7.86 -12.44
N PHE A 98 12.81 7.78 -13.74
CA PHE A 98 12.33 8.81 -14.66
C PHE A 98 10.82 8.82 -14.74
N ILE A 99 10.19 7.64 -14.75
CA ILE A 99 8.74 7.56 -14.76
C ILE A 99 8.17 8.18 -13.49
N GLY A 100 8.78 7.89 -12.35
CA GLY A 100 8.34 8.49 -11.10
C GLY A 100 8.48 9.99 -11.09
N VAL A 101 9.59 10.50 -11.63
CA VAL A 101 9.79 11.94 -11.70
C VAL A 101 8.71 12.58 -12.58
N LEU A 102 8.45 11.97 -13.73
CA LEU A 102 7.42 12.48 -14.63
C LEU A 102 6.06 12.49 -13.96
N GLU A 103 5.73 11.42 -13.23
CA GLU A 103 4.39 11.29 -12.68
C GLU A 103 4.20 12.18 -11.45
N CYS A 104 5.27 12.38 -10.66
CA CYS A 104 5.17 13.26 -9.52
C CYS A 104 5.18 14.73 -9.92
N ALA A 105 5.99 15.10 -10.90
CA ALA A 105 6.21 16.51 -11.22
C ALA A 105 5.56 16.96 -12.52
N PHE A 106 5.46 16.09 -13.52
CA PHE A 106 5.03 16.50 -14.85
C PHE A 106 3.65 15.97 -15.23
N MET A 107 3.44 14.66 -15.15
CA MET A 107 2.19 14.06 -15.62
C MET A 107 1.16 14.07 -14.50
N ARG A 108 0.70 15.28 -14.18
CA ARG A 108 -0.21 15.49 -13.06
C ARG A 108 -1.19 16.60 -13.41
N ASP A 109 -2.30 16.62 -12.67
CA ASP A 109 -3.32 17.67 -12.79
C ASP A 109 -3.03 18.72 -11.72
N VAL A 110 -2.41 19.82 -12.12
CA VAL A 110 -2.10 20.91 -11.21
C VAL A 110 -3.38 21.70 -10.94
N PRO A 111 -3.78 21.86 -9.68
CA PRO A 111 -5.03 22.57 -9.38
C PRO A 111 -4.96 24.03 -9.80
N GLY A 112 -6.11 24.56 -10.21
CA GLY A 112 -6.20 25.96 -10.59
C GLY A 112 -5.37 26.34 -11.79
N THR A 113 -5.33 25.48 -12.81
CA THR A 113 -4.56 25.75 -14.01
C THR A 113 -5.40 25.74 -15.28
N GLY A 114 -6.70 25.51 -15.18
CA GLY A 114 -7.58 25.55 -16.33
C GLY A 114 -7.92 24.21 -16.94
N ASN A 115 -7.57 23.10 -16.29
CA ASN A 115 -7.92 21.79 -16.83
C ASN A 115 -9.43 21.62 -16.85
N GLU A 116 -9.94 21.09 -17.96
CA GLU A 116 -11.37 21.05 -18.20
C GLU A 116 -12.03 19.74 -17.77
N HIS A 117 -11.31 18.63 -17.83
CA HIS A 117 -11.92 17.34 -17.53
C HIS A 117 -10.89 16.42 -16.89
N VAL A 118 -11.36 15.26 -16.46
CA VAL A 118 -10.48 14.27 -15.85
C VAL A 118 -9.58 13.68 -16.92
N GLY A 119 -8.28 13.66 -16.65
CA GLY A 119 -7.29 13.24 -17.62
C GLY A 119 -6.62 14.38 -18.36
N ASP A 120 -7.10 15.60 -18.18
CA ASP A 120 -6.49 16.78 -18.80
C ASP A 120 -5.26 17.17 -17.98
N PHE A 121 -4.08 17.06 -18.59
CA PHE A 121 -2.84 17.40 -17.94
C PHE A 121 -2.17 18.63 -18.53
N ARG A 122 -2.89 19.40 -19.36
CA ARG A 122 -2.26 20.51 -20.05
C ARG A 122 -1.71 21.54 -19.08
N ASN A 123 -2.48 21.87 -18.04
CA ASN A 123 -2.08 22.82 -17.00
C ASN A 123 -1.72 24.18 -17.57
N GLY A 124 -2.26 24.52 -18.74
CA GLY A 124 -1.95 25.79 -19.37
C GLY A 124 -0.56 25.90 -19.93
N TYR A 125 0.22 24.82 -19.90
CA TYR A 125 1.61 24.85 -20.37
C TYR A 125 1.74 24.37 -21.81
N ILE A 126 1.31 23.14 -22.08
CA ILE A 126 1.46 22.53 -23.41
C ILE A 126 0.07 22.35 -23.99
N ASP A 127 -0.14 22.90 -25.18
CA ASP A 127 -1.42 22.80 -25.86
C ASP A 127 -1.19 22.89 -27.37
N PHE A 128 -1.71 21.92 -28.11
CA PHE A 128 -1.50 21.84 -29.54
C PHE A 128 -2.71 22.33 -30.35
N GLY A 129 -3.65 23.01 -29.71
CA GLY A 129 -4.83 23.47 -30.41
C GLY A 129 -6.12 22.86 -29.92
N TRP A 130 -6.19 22.57 -28.62
CA TRP A 130 -7.37 21.94 -28.06
C TRP A 130 -8.61 22.80 -28.24
N ASP A 131 -8.48 24.12 -28.04
CA ASP A 131 -9.62 25.01 -28.19
C ASP A 131 -10.07 25.18 -29.63
N SER A 132 -9.27 24.72 -30.60
CA SER A 132 -9.69 24.78 -32.00
C SER A 132 -10.86 23.86 -32.30
N PHE A 133 -10.93 22.71 -31.62
CA PHE A 133 -12.05 21.80 -31.80
C PHE A 133 -13.33 22.39 -31.22
N ASP A 134 -14.45 22.06 -31.83
CA ASP A 134 -15.75 22.44 -31.28
C ASP A 134 -16.14 21.46 -30.19
N GLU A 135 -17.35 21.62 -29.64
CA GLU A 135 -17.74 20.83 -28.47
C GLU A 135 -17.86 19.34 -28.81
N GLU A 136 -18.45 19.01 -29.95
CA GLU A 136 -18.66 17.61 -30.29
C GLU A 136 -17.34 16.91 -30.61
N THR A 137 -16.45 17.59 -31.34
CA THR A 137 -15.17 16.96 -31.69
C THR A 137 -14.31 16.71 -30.46
N LYS A 138 -14.40 17.57 -29.45
CA LYS A 138 -13.66 17.35 -28.22
C LYS A 138 -14.09 16.05 -27.56
N LEU A 139 -15.40 15.83 -27.45
CA LEU A 139 -15.91 14.60 -26.87
C LEU A 139 -15.54 13.40 -27.73
N GLN A 140 -15.60 13.56 -29.05
CA GLN A 140 -15.22 12.46 -29.94
C GLN A 140 -13.77 12.06 -29.74
N LYS A 141 -12.87 13.05 -29.66
CA LYS A 141 -11.46 12.75 -29.45
C LYS A 141 -11.23 12.10 -28.09
N ARG A 142 -11.91 12.59 -27.05
CA ARG A 142 -11.76 11.98 -25.74
C ARG A 142 -12.24 10.54 -25.73
N ALA A 143 -13.37 10.26 -26.39
CA ALA A 143 -13.89 8.90 -26.48
C ALA A 143 -12.93 8.01 -27.26
N ILE A 144 -12.36 8.53 -28.35
CA ILE A 144 -11.39 7.77 -29.12
C ILE A 144 -10.20 7.40 -28.26
N GLU A 145 -9.68 8.37 -27.50
CA GLU A 145 -8.55 8.11 -26.62
C GLU A 145 -8.90 7.05 -25.58
N LEU A 146 -10.07 7.17 -24.96
CA LEU A 146 -10.46 6.23 -23.91
C LEU A 146 -10.62 4.81 -24.46
N ASN A 147 -11.27 4.67 -25.62
CA ASN A 147 -11.52 3.34 -26.16
C ASN A 147 -10.24 2.72 -26.70
N ASN A 148 -9.39 3.51 -27.36
CA ASN A 148 -8.08 3.01 -27.75
C ASN A 148 -7.27 2.58 -26.53
N GLY A 149 -7.43 3.31 -25.42
CA GLY A 149 -6.74 2.90 -24.20
C GLY A 149 -7.25 1.58 -23.66
N ARG A 150 -8.56 1.37 -23.66
CA ARG A 150 -9.11 0.09 -23.21
C ARG A 150 -8.64 -1.05 -24.10
N ALA A 151 -8.70 -0.85 -25.42
CA ALA A 151 -8.26 -1.87 -26.36
C ALA A 151 -6.78 -2.17 -26.18
N ALA A 152 -5.96 -1.13 -25.96
CA ALA A 152 -4.54 -1.34 -25.74
C ALA A 152 -4.26 -2.01 -24.40
N MET A 153 -5.07 -1.73 -23.39
CA MET A 153 -4.96 -2.46 -22.12
C MET A 153 -5.12 -3.95 -22.36
N MET A 154 -6.21 -4.33 -23.03
CA MET A 154 -6.45 -5.74 -23.27
C MET A 154 -5.36 -6.33 -24.17
N GLY A 155 -4.91 -5.57 -25.17
CA GLY A 155 -3.90 -6.08 -26.09
C GLY A 155 -2.55 -6.29 -25.42
N ILE A 156 -2.12 -5.35 -24.57
CA ILE A 156 -0.84 -5.52 -23.89
C ILE A 156 -0.92 -6.65 -22.87
N LEU A 157 -2.08 -6.80 -22.21
CA LEU A 157 -2.24 -7.95 -21.32
C LEU A 157 -2.13 -9.25 -22.10
N GLY A 158 -2.75 -9.32 -23.28
CA GLY A 158 -2.65 -10.52 -24.10
C GLY A 158 -1.25 -10.78 -24.59
N LEU A 159 -0.53 -9.72 -24.96
CA LEU A 159 0.85 -9.88 -25.43
C LEU A 159 1.73 -10.43 -24.32
N MET A 160 1.62 -9.86 -23.11
CA MET A 160 2.41 -10.36 -22.01
C MET A 160 2.06 -11.80 -21.66
N VAL A 161 0.76 -12.12 -21.66
CA VAL A 161 0.33 -13.49 -21.33
C VAL A 161 0.86 -14.47 -22.36
N HIS A 162 0.75 -14.13 -23.64
CA HIS A 162 1.22 -15.01 -24.70
C HIS A 162 2.73 -15.18 -24.64
N GLU A 163 3.47 -14.12 -24.32
CA GLU A 163 4.91 -14.25 -24.16
C GLU A 163 5.24 -15.18 -23.01
N GLU A 164 4.50 -15.09 -21.90
CA GLU A 164 4.82 -15.87 -20.71
C GLU A 164 4.37 -17.32 -20.81
N ILE A 165 3.49 -17.68 -21.76
CA ILE A 165 3.02 -19.06 -21.87
C ILE A 165 3.76 -19.85 -22.95
N ILE A 166 4.61 -19.19 -23.75
CA ILE A 166 5.40 -19.93 -24.74
C ILE A 166 6.32 -20.96 -24.09
N PRO A 167 7.08 -20.64 -23.04
CA PRO A 167 7.89 -21.69 -22.39
C PRO A 167 7.06 -22.82 -21.79
N LEU A 168 5.78 -22.58 -21.52
CA LEU A 168 4.92 -23.62 -20.95
C LEU A 168 4.32 -24.55 -21.99
N GLY A 169 4.62 -24.33 -23.27
CA GLY A 169 4.12 -25.17 -24.33
C GLY A 169 2.97 -24.60 -25.13
N TYR A 170 2.56 -23.36 -24.86
CA TYR A 170 1.47 -22.71 -25.57
C TYR A 170 2.08 -21.69 -26.53
N ASP A 171 2.29 -22.09 -27.78
CA ASP A 171 2.89 -21.24 -28.80
C ASP A 171 1.99 -21.26 -30.03
N PRO A 172 0.90 -20.50 -30.01
CA PRO A 172 -0.01 -20.45 -31.15
C PRO A 172 0.44 -19.45 -32.20
N ASP A 173 -0.02 -19.68 -33.43
CA ASP A 173 0.23 -18.75 -34.54
C ASP A 173 -0.79 -17.62 -34.44
N LEU A 174 -0.43 -16.59 -33.69
CA LEU A 174 -1.34 -15.48 -33.47
C LEU A 174 -1.59 -14.73 -34.78
N PRO A 175 -2.79 -14.18 -34.96
CA PRO A 175 -3.07 -13.41 -36.17
C PRO A 175 -2.18 -12.17 -36.27
N ILE A 176 -1.88 -11.79 -37.50
CA ILE A 176 -1.08 -10.60 -37.81
C ILE A 176 0.32 -10.72 -37.24
N ILE A 177 0.43 -10.73 -35.91
CA ILE A 177 1.75 -10.73 -35.27
C ILE A 177 2.48 -12.06 -35.47
N GLY A 178 1.78 -13.11 -35.87
CA GLY A 178 2.44 -14.39 -36.08
C GLY A 178 2.90 -15.01 -34.77
N HIS A 179 3.92 -15.86 -34.86
CA HIS A 179 4.50 -16.43 -33.66
C HIS A 179 5.20 -15.35 -32.86
N LEU A 180 4.88 -15.29 -31.56
CA LEU A 180 5.31 -14.17 -30.72
C LEU A 180 6.73 -14.45 -30.22
N GLN A 181 7.68 -14.34 -31.15
CA GLN A 181 9.09 -14.58 -30.82
C GLN A 181 9.77 -13.28 -30.37
N ALA B 1 1.91 30.95 -2.57
CA ALA B 1 1.05 30.95 -1.40
C ALA B 1 1.78 30.37 -0.19
N PHE B 2 2.70 29.44 -0.44
CA PHE B 2 3.49 28.82 0.61
C PHE B 2 4.96 29.20 0.54
N GLU B 3 5.28 30.30 -0.15
CA GLU B 3 6.66 30.72 -0.31
C GLU B 3 7.24 31.37 0.94
N ASP B 4 6.40 31.70 1.93
CA ASP B 4 6.87 32.29 3.17
C ASP B 4 6.63 31.40 4.37
N GLU B 5 6.33 30.11 4.15
CA GLU B 5 6.10 29.18 5.23
C GLU B 5 7.43 28.78 5.88
N LEU B 6 7.34 27.89 6.86
CA LEU B 6 8.53 27.38 7.52
C LEU B 6 9.34 26.52 6.56
N GLY B 7 10.66 26.68 6.59
CA GLY B 7 11.55 25.94 5.72
C GLY B 7 12.02 26.72 4.50
N ALA B 8 11.32 27.78 4.13
CA ALA B 8 11.73 28.64 3.02
C ALA B 8 12.64 29.72 3.59
N GLN B 9 13.93 29.44 3.61
CA GLN B 9 14.93 30.29 4.23
C GLN B 9 16.14 30.40 3.31
N PRO B 10 17.00 31.39 3.53
CA PRO B 10 18.22 31.51 2.72
C PRO B 10 19.08 30.28 2.88
N PRO B 11 19.94 29.98 1.88
CA PRO B 11 20.17 30.78 0.68
C PRO B 11 19.24 30.44 -0.48
N LEU B 12 18.64 29.24 -0.45
CA LEU B 12 17.80 28.82 -1.57
C LEU B 12 16.47 29.56 -1.58
N GLY B 13 16.01 30.03 -0.43
CA GLY B 13 14.67 30.59 -0.34
C GLY B 13 13.64 29.51 -0.54
N PHE B 14 12.49 29.84 -1.12
CA PHE B 14 11.50 28.83 -1.45
C PHE B 14 12.06 27.91 -2.52
N PHE B 15 12.04 26.61 -2.25
CA PHE B 15 12.66 25.61 -3.13
C PHE B 15 11.67 24.48 -3.35
N ASP B 16 10.99 24.51 -4.49
CA ASP B 16 10.04 23.47 -4.89
C ASP B 16 10.38 23.03 -6.31
N PRO B 17 11.42 22.19 -6.47
CA PRO B 17 11.79 21.75 -7.83
C PRO B 17 10.69 20.96 -8.51
N PHE B 18 10.20 19.90 -7.89
CA PHE B 18 9.19 19.07 -8.54
C PHE B 18 7.83 19.75 -8.61
N GLY B 19 7.69 20.96 -8.08
CA GLY B 19 6.43 21.67 -8.14
C GLY B 19 5.31 21.02 -7.38
N MET B 20 5.59 20.53 -6.17
CA MET B 20 4.55 19.91 -5.36
C MET B 20 3.47 20.93 -4.97
N LEU B 21 3.88 22.16 -4.66
CA LEU B 21 2.97 23.21 -4.26
C LEU B 21 2.60 24.13 -5.42
N SER B 22 2.80 23.67 -6.65
CA SER B 22 2.46 24.49 -7.82
C SER B 22 0.96 24.65 -7.95
N GLY B 23 0.55 25.76 -8.56
CA GLY B 23 -0.86 26.02 -8.73
C GLY B 23 -1.55 26.37 -7.42
N ASP B 24 -2.85 26.12 -7.40
CA ASP B 24 -3.68 26.39 -6.21
C ASP B 24 -3.62 25.18 -5.28
N CYS B 25 -2.45 24.99 -4.70
CA CYS B 25 -2.25 23.90 -3.75
C CYS B 25 -3.01 24.17 -2.46
N THR B 26 -3.64 23.14 -1.92
CA THR B 26 -4.37 23.29 -0.66
C THR B 26 -3.44 23.20 0.52
N GLN B 27 -3.80 23.87 1.61
CA GLN B 27 -3.00 23.80 2.81
C GLN B 27 -2.88 22.36 3.22
N GLU B 28 -3.97 21.63 3.10
CA GLU B 28 -3.96 20.23 3.48
C GLU B 28 -2.78 19.51 2.86
N ARG B 29 -2.59 19.67 1.56
CA ARG B 29 -1.51 18.97 0.90
C ARG B 29 -0.25 19.41 1.57
N PHE B 30 -0.05 20.71 1.61
CA PHE B 30 1.17 21.22 2.21
C PHE B 30 1.33 20.73 3.64
N ASP B 31 0.23 20.62 4.38
CA ASP B 31 0.31 20.09 5.74
C ASP B 31 0.78 18.65 5.76
N ARG B 32 0.27 17.83 4.84
CA ARG B 32 0.73 16.44 4.77
C ARG B 32 2.19 16.37 4.37
N LEU B 33 2.60 17.19 3.39
CA LEU B 33 4.00 17.19 2.98
C LEU B 33 4.92 17.60 4.13
N ARG B 34 4.52 18.63 4.88
CA ARG B 34 5.33 19.07 6.01
C ARG B 34 5.35 18.02 7.12
N TYR B 35 4.22 17.35 7.35
CA TYR B 35 4.19 16.28 8.35
C TYR B 35 5.14 15.15 7.97
N VAL B 36 5.12 14.74 6.69
CA VAL B 36 6.00 13.69 6.23
C VAL B 36 7.45 14.12 6.34
N GLU B 37 7.75 15.37 5.96
CA GLU B 37 9.11 15.89 6.06
C GLU B 37 9.60 15.90 7.50
N ILE B 38 8.76 16.35 8.43
CA ILE B 38 9.17 16.43 9.83
C ILE B 38 9.35 15.03 10.42
N LYS B 39 8.45 14.10 10.08
CA LYS B 39 8.59 12.73 10.55
C LYS B 39 9.89 12.11 10.05
N HIS B 40 10.17 12.26 8.76
CA HIS B 40 11.41 11.74 8.21
C HIS B 40 12.63 12.40 8.85
N GLY B 41 12.55 13.71 9.08
CA GLY B 41 13.66 14.40 9.70
C GLY B 41 13.96 13.93 11.11
N ARG B 42 12.90 13.75 11.91
CA ARG B 42 13.10 13.26 13.27
C ARG B 42 13.66 11.84 13.26
N ILE B 43 13.10 10.97 12.41
CA ILE B 43 13.59 9.60 12.33
C ILE B 43 15.05 9.57 11.89
N ALA B 44 15.40 10.39 10.91
CA ALA B 44 16.78 10.44 10.42
C ALA B 44 17.73 11.04 11.44
N GLN B 45 17.28 12.03 12.22
CA GLN B 45 18.11 12.57 13.28
C GLN B 45 18.43 11.51 14.31
N LEU B 46 17.42 10.76 14.74
CA LEU B 46 17.66 9.68 15.69
C LEU B 46 18.56 8.61 15.08
N ALA B 47 18.35 8.28 13.80
CA ALA B 47 19.16 7.27 13.15
C ALA B 47 20.63 7.70 13.07
N PHE B 48 20.88 8.95 12.71
CA PHE B 48 22.25 9.44 12.64
C PHE B 48 22.90 9.47 14.02
N LEU B 49 22.16 9.90 15.04
CA LEU B 49 22.71 9.90 16.39
C LEU B 49 23.07 8.49 16.82
N GLY B 50 22.19 7.52 16.56
CA GLY B 50 22.49 6.15 16.91
C GLY B 50 23.66 5.58 16.14
N GLN B 51 23.74 5.91 14.84
CA GLN B 51 24.87 5.46 14.03
C GLN B 51 26.18 5.99 14.61
N ILE B 52 26.22 7.27 14.95
CA ILE B 52 27.43 7.88 15.48
C ILE B 52 27.80 7.26 16.82
N VAL B 53 26.81 7.09 17.71
CA VAL B 53 27.08 6.53 19.03
C VAL B 53 27.61 5.10 18.91
N THR B 54 26.99 4.29 18.04
CA THR B 54 27.44 2.92 17.87
C THR B 54 28.83 2.85 17.25
N ARG B 55 29.09 3.69 16.24
CA ARG B 55 30.37 3.66 15.56
C ARG B 55 31.49 4.30 16.37
N ALA B 56 31.16 5.06 17.41
CA ALA B 56 32.17 5.65 18.26
C ALA B 56 32.67 4.70 19.35
N GLY B 57 32.14 3.49 19.41
CA GLY B 57 32.53 2.52 20.41
C GLY B 57 31.70 2.51 21.66
N ILE B 58 30.52 3.15 21.65
CA ILE B 58 29.64 3.20 22.81
C ILE B 58 28.53 2.18 22.59
N HIS B 59 28.45 1.18 23.48
CA HIS B 59 27.45 0.13 23.40
C HIS B 59 26.83 -0.08 24.77
N LEU B 60 25.60 -0.59 24.76
CA LEU B 60 24.92 -0.88 26.01
C LEU B 60 25.63 -2.00 26.76
N PRO B 61 25.70 -1.93 28.09
CA PRO B 61 26.33 -3.02 28.84
C PRO B 61 25.48 -4.27 28.83
N GLY B 62 26.14 -5.41 28.97
CA GLY B 62 25.44 -6.68 29.06
C GLY B 62 25.32 -7.40 27.73
N SER B 63 24.27 -8.24 27.60
CA SER B 63 24.05 -9.03 26.41
C SER B 63 22.64 -8.79 25.89
N ILE B 64 22.47 -8.94 24.57
CA ILE B 64 21.18 -8.66 23.95
C ILE B 64 20.19 -9.81 24.12
N ASN B 65 20.66 -11.00 24.47
CA ASN B 65 19.76 -12.14 24.65
C ASN B 65 20.32 -13.05 25.73
N TYR B 66 19.54 -14.08 26.07
CA TYR B 66 19.95 -15.02 27.09
C TYR B 66 21.09 -15.92 26.62
N ALA B 67 21.33 -16.00 25.31
CA ALA B 67 22.42 -16.83 24.81
C ALA B 67 23.77 -16.33 25.29
N GLY B 68 23.96 -15.02 25.34
CA GLY B 68 25.20 -14.45 25.80
C GLY B 68 25.85 -13.54 24.77
N ASP B 69 25.12 -13.22 23.71
CA ASP B 69 25.62 -12.34 22.66
C ASP B 69 25.71 -10.91 23.22
N SER B 70 26.93 -10.47 23.50
CA SER B 70 27.14 -9.15 24.07
C SER B 70 26.75 -8.07 23.07
N PHE B 71 26.36 -6.91 23.60
CA PHE B 71 25.97 -5.80 22.74
C PHE B 71 27.13 -5.33 21.88
N ASP B 72 28.34 -5.25 22.46
CA ASP B 72 29.49 -4.78 21.71
C ASP B 72 30.14 -5.92 20.93
N SER B 73 29.33 -6.64 20.17
CA SER B 73 29.83 -7.69 19.28
C SER B 73 29.20 -7.64 17.90
N PHE B 74 28.02 -7.05 17.74
CA PHE B 74 27.37 -6.91 16.45
C PHE B 74 28.00 -5.75 15.68
N PRO B 75 27.96 -5.80 14.34
CA PRO B 75 28.54 -4.71 13.55
C PRO B 75 27.76 -3.40 13.67
N ASN B 76 28.20 -2.38 12.95
CA ASN B 76 27.55 -1.07 12.97
C ASN B 76 26.86 -0.84 11.63
N GLY B 77 25.65 -0.29 11.71
CA GLY B 77 24.92 0.03 10.50
C GLY B 77 23.95 -1.03 10.05
N VAL B 78 23.75 -1.15 8.74
CA VAL B 78 22.79 -2.10 8.20
C VAL B 78 23.17 -3.53 8.57
N ALA B 79 24.48 -3.80 8.72
CA ALA B 79 24.92 -5.13 9.11
C ALA B 79 24.45 -5.50 10.50
N ALA B 80 24.11 -4.52 11.35
CA ALA B 80 23.59 -4.81 12.67
C ALA B 80 22.15 -5.28 12.65
N LEU B 81 21.37 -4.90 11.65
CA LEU B 81 19.97 -5.31 11.53
C LEU B 81 19.74 -6.36 10.47
N PHE B 82 20.28 -6.18 9.27
CA PHE B 82 20.08 -7.11 8.16
C PHE B 82 21.42 -7.66 7.74
N GLY B 83 21.63 -8.95 7.97
CA GLY B 83 22.87 -9.60 7.60
C GLY B 83 23.03 -10.94 8.28
N PRO B 84 24.12 -11.65 7.97
CA PRO B 84 24.36 -12.95 8.59
C PRO B 84 24.60 -12.83 10.09
N ASN B 85 25.54 -11.97 10.48
CA ASN B 85 25.86 -11.74 11.89
C ASN B 85 25.26 -10.41 12.33
N SER B 86 23.98 -10.44 12.67
CA SER B 86 23.25 -9.27 13.13
C SER B 86 22.60 -9.59 14.46
N ILE B 87 21.85 -8.62 14.99
CA ILE B 87 21.10 -8.82 16.23
C ILE B 87 20.02 -9.85 15.96
N PRO B 88 19.53 -10.57 16.97
CA PRO B 88 18.50 -11.58 16.71
C PRO B 88 17.28 -10.95 16.07
N THR B 89 16.71 -11.67 15.09
CA THR B 89 15.55 -11.16 14.38
C THR B 89 14.33 -11.01 15.30
N ALA B 90 14.31 -11.71 16.43
CA ALA B 90 13.30 -11.45 17.43
C ALA B 90 13.44 -10.03 17.97
N GLY B 91 14.67 -9.58 18.20
CA GLY B 91 14.88 -8.21 18.62
C GLY B 91 14.41 -7.20 17.59
N LEU B 92 14.68 -7.47 16.31
CA LEU B 92 14.20 -6.57 15.26
C LEU B 92 12.68 -6.54 15.20
N VAL B 93 12.05 -7.71 15.33
CA VAL B 93 10.59 -7.75 15.32
C VAL B 93 10.02 -6.97 16.49
N GLN B 94 10.62 -7.13 17.67
CA GLN B 94 10.15 -6.39 18.84
C GLN B 94 10.36 -4.89 18.69
N ILE B 95 11.48 -4.49 18.07
CA ILE B 95 11.72 -3.07 17.83
C ILE B 95 10.66 -2.51 16.89
N ILE B 96 10.35 -3.25 15.82
CA ILE B 96 9.34 -2.79 14.87
C ILE B 96 7.98 -2.72 15.55
N ALA B 97 7.66 -3.70 16.41
CA ALA B 97 6.39 -3.67 17.12
C ALA B 97 6.32 -2.49 18.07
N PHE B 98 7.42 -2.19 18.77
CA PHE B 98 7.44 -1.02 19.65
C PHE B 98 7.25 0.26 18.87
N ILE B 99 7.89 0.37 17.69
CA ILE B 99 7.73 1.55 16.86
C ILE B 99 6.29 1.68 16.39
N GLY B 100 5.67 0.56 16.00
CA GLY B 100 4.28 0.59 15.61
C GLY B 100 3.36 1.01 16.74
N VAL B 101 3.63 0.53 17.95
CA VAL B 101 2.87 0.96 19.13
C VAL B 101 3.01 2.46 19.33
N LEU B 102 4.25 2.96 19.21
CA LEU B 102 4.50 4.38 19.41
C LEU B 102 3.73 5.21 18.40
N GLU B 103 3.73 4.78 17.13
CA GLU B 103 3.04 5.57 16.12
C GLU B 103 1.53 5.48 16.25
N CYS B 104 1.00 4.29 16.56
CA CYS B 104 -0.44 4.14 16.67
C CYS B 104 -0.99 4.88 17.89
N ALA B 105 -0.32 4.77 19.03
CA ALA B 105 -0.86 5.26 20.29
C ALA B 105 -0.20 6.53 20.81
N PHE B 106 1.12 6.66 20.67
CA PHE B 106 1.86 7.72 21.34
C PHE B 106 2.27 8.86 20.41
N MET B 107 2.98 8.53 19.34
CA MET B 107 3.56 9.56 18.47
C MET B 107 2.55 9.95 17.40
N ARG B 108 1.56 10.72 17.82
CA ARG B 108 0.45 11.08 16.95
C ARG B 108 -0.11 12.43 17.38
N ASP B 109 -0.87 13.05 16.48
CA ASP B 109 -1.55 14.30 16.75
C ASP B 109 -2.99 13.98 17.12
N VAL B 110 -3.29 14.04 18.41
CA VAL B 110 -4.65 13.78 18.91
C VAL B 110 -5.50 15.01 18.65
N PRO B 111 -6.62 14.88 17.93
CA PRO B 111 -7.44 16.05 17.64
C PRO B 111 -8.03 16.67 18.89
N GLY B 112 -8.18 17.99 18.86
CA GLY B 112 -8.77 18.71 19.98
C GLY B 112 -7.97 18.65 21.26
N THR B 113 -6.64 18.70 21.14
CA THR B 113 -5.77 18.66 22.31
C THR B 113 -4.90 19.90 22.46
N GLY B 114 -4.98 20.85 21.54
CA GLY B 114 -4.22 22.08 21.66
C GLY B 114 -2.97 22.17 20.82
N ASN B 115 -2.71 21.20 19.95
CA ASN B 115 -1.54 21.27 19.09
C ASN B 115 -1.62 22.47 18.17
N GLU B 116 -0.52 23.22 18.06
CA GLU B 116 -0.54 24.51 17.39
C GLU B 116 -0.12 24.43 15.93
N HIS B 117 0.74 23.49 15.55
CA HIS B 117 1.25 23.43 14.20
C HIS B 117 1.44 21.97 13.80
N VAL B 118 1.76 21.76 12.52
CA VAL B 118 2.00 20.42 12.02
C VAL B 118 3.31 19.89 12.59
N GLY B 119 3.27 18.69 13.15
CA GLY B 119 4.40 18.11 13.84
C GLY B 119 4.35 18.24 15.35
N ASP B 120 3.44 19.06 15.88
CA ASP B 120 3.26 19.18 17.32
C ASP B 120 2.54 17.96 17.85
N PHE B 121 3.22 17.17 18.68
CA PHE B 121 2.65 15.97 19.27
C PHE B 121 2.45 16.10 20.77
N ARG B 122 2.52 17.32 21.31
CA ARG B 122 2.44 17.50 22.76
C ARG B 122 1.12 16.99 23.30
N ASN B 123 0.01 17.30 22.63
CA ASN B 123 -1.32 16.85 23.01
C ASN B 123 -1.69 17.26 24.43
N GLY B 124 -1.08 18.33 24.95
CA GLY B 124 -1.36 18.76 26.30
C GLY B 124 -0.84 17.84 27.38
N TYR B 125 -0.03 16.85 27.02
CA TYR B 125 0.48 15.87 27.99
C TYR B 125 1.91 16.18 28.41
N ILE B 126 2.83 16.27 27.45
CA ILE B 126 4.25 16.48 27.73
C ILE B 126 4.65 17.83 27.16
N ASP B 127 5.23 18.68 28.00
CA ASP B 127 5.66 20.01 27.60
C ASP B 127 6.78 20.46 28.52
N PHE B 128 7.91 20.86 27.93
CA PHE B 128 9.07 21.28 28.70
C PHE B 128 9.23 22.80 28.75
N GLY B 129 8.20 23.55 28.39
CA GLY B 129 8.31 25.00 28.41
C GLY B 129 8.13 25.64 27.05
N TRP B 130 7.28 25.06 26.20
CA TRP B 130 7.07 25.59 24.86
C TRP B 130 6.52 27.01 24.91
N ASP B 131 5.59 27.28 25.82
CA ASP B 131 5.00 28.60 25.92
C ASP B 131 5.97 29.65 26.45
N SER B 132 7.10 29.23 27.01
CA SER B 132 8.09 30.21 27.48
C SER B 132 8.71 30.97 26.33
N PHE B 133 8.93 30.32 25.19
CA PHE B 133 9.46 30.99 24.02
C PHE B 133 8.46 32.00 23.48
N ASP B 134 8.99 33.11 22.97
CA ASP B 134 8.15 34.07 22.26
C ASP B 134 7.91 33.59 20.83
N GLU B 135 7.19 34.40 20.05
CA GLU B 135 6.78 33.97 18.72
C GLU B 135 7.99 33.74 17.81
N GLU B 136 8.98 34.64 17.86
CA GLU B 136 10.13 34.50 16.98
C GLU B 136 10.95 33.26 17.33
N THR B 137 11.18 33.02 18.63
CA THR B 137 11.98 31.87 19.03
C THR B 137 11.28 30.56 18.69
N LYS B 138 9.96 30.52 18.75
CA LYS B 138 9.22 29.31 18.39
C LYS B 138 9.47 28.96 16.92
N LEU B 139 9.35 29.95 16.04
CA LEU B 139 9.62 29.72 14.62
C LEU B 139 11.08 29.35 14.40
N GLN B 140 12.00 29.98 15.12
CA GLN B 140 13.42 29.67 14.98
C GLN B 140 13.69 28.22 15.36
N LYS B 141 13.13 27.76 16.48
CA LYS B 141 13.33 26.38 16.90
C LYS B 141 12.71 25.40 15.91
N ARG B 142 11.51 25.71 15.40
CA ARG B 142 10.88 24.83 14.42
C ARG B 142 11.73 24.74 13.15
N ALA B 143 12.25 25.87 12.68
CA ALA B 143 13.10 25.87 11.50
C ALA B 143 14.38 25.09 11.74
N ILE B 144 14.98 25.25 12.92
CA ILE B 144 16.18 24.49 13.26
C ILE B 144 15.90 23.00 13.22
N GLU B 145 14.78 22.59 13.82
CA GLU B 145 14.41 21.17 13.81
C GLU B 145 14.22 20.66 12.39
N LEU B 146 13.51 21.42 11.56
CA LEU B 146 13.25 20.98 10.20
C LEU B 146 14.52 20.87 9.38
N ASN B 147 15.39 21.86 9.46
CA ASN B 147 16.62 21.85 8.66
C ASN B 147 17.59 20.78 9.15
N ASN B 148 17.69 20.60 10.47
CA ASN B 148 18.49 19.50 10.98
C ASN B 148 17.92 18.16 10.55
N GLY B 149 16.60 18.05 10.45
CA GLY B 149 16.01 16.83 9.96
C GLY B 149 16.35 16.55 8.51
N ARG B 150 16.32 17.59 7.66
CA ARG B 150 16.71 17.41 6.26
C ARG B 150 18.17 16.99 6.16
N ALA B 151 19.05 17.68 6.89
CA ALA B 151 20.46 17.33 6.88
C ALA B 151 20.68 15.90 7.38
N ALA B 152 19.89 15.48 8.37
CA ALA B 152 20.01 14.12 8.88
C ALA B 152 19.50 13.09 7.90
N MET B 153 18.45 13.42 7.13
CA MET B 153 18.03 12.53 6.05
C MET B 153 19.17 12.30 5.08
N MET B 154 19.79 13.39 4.62
CA MET B 154 20.93 13.25 3.72
C MET B 154 22.07 12.47 4.37
N GLY B 155 22.36 12.74 5.63
CA GLY B 155 23.48 12.07 6.29
C GLY B 155 23.25 10.58 6.48
N ILE B 156 22.05 10.19 6.90
CA ILE B 156 21.76 8.77 7.10
C ILE B 156 21.72 8.04 5.76
N LEU B 157 21.19 8.69 4.72
CA LEU B 157 21.23 8.07 3.40
C LEU B 157 22.67 7.85 2.95
N GLY B 158 23.52 8.86 3.15
CA GLY B 158 24.92 8.70 2.80
C GLY B 158 25.62 7.62 3.58
N LEU B 159 25.34 7.54 4.89
CA LEU B 159 25.97 6.52 5.72
C LEU B 159 25.55 5.12 5.27
N MET B 160 24.26 4.91 5.01
CA MET B 160 23.81 3.61 4.55
C MET B 160 24.40 3.27 3.18
N VAL B 161 24.44 4.23 2.27
CA VAL B 161 24.99 3.97 0.93
C VAL B 161 26.46 3.63 1.03
N HIS B 162 27.21 4.38 1.84
CA HIS B 162 28.65 4.11 1.98
C HIS B 162 28.90 2.76 2.63
N GLU B 163 28.05 2.37 3.58
CA GLU B 163 28.17 1.04 4.16
C GLU B 163 27.93 -0.03 3.12
N GLU B 164 26.94 0.17 2.25
CA GLU B 164 26.56 -0.84 1.29
C GLU B 164 27.48 -0.92 0.07
N ILE B 165 28.35 0.06 -0.14
CA ILE B 165 29.26 0.03 -1.30
C ILE B 165 30.65 -0.45 -0.94
N ILE B 166 30.96 -0.63 0.33
CA ILE B 166 32.27 -1.17 0.71
C ILE B 166 32.49 -2.58 0.15
N PRO B 167 31.54 -3.52 0.24
CA PRO B 167 31.76 -4.84 -0.38
C PRO B 167 31.93 -4.78 -1.89
N LEU B 168 31.46 -3.73 -2.54
CA LEU B 168 31.56 -3.60 -3.99
C LEU B 168 32.85 -2.93 -4.44
N GLY B 169 33.75 -2.61 -3.52
CA GLY B 169 35.02 -2.01 -3.84
C GLY B 169 35.10 -0.51 -3.64
N TYR B 170 33.99 0.14 -3.28
CA TYR B 170 33.97 1.58 -3.04
C TYR B 170 34.11 1.80 -1.54
N ASP B 171 35.35 2.00 -1.09
CA ASP B 171 35.67 2.21 0.31
C ASP B 171 36.52 3.47 0.43
N PRO B 172 35.90 4.64 0.33
CA PRO B 172 36.67 5.88 0.45
C PRO B 172 36.93 6.27 1.90
N ASP B 173 37.87 7.18 2.08
CA ASP B 173 38.19 7.73 3.39
C ASP B 173 37.33 8.98 3.58
N LEU B 174 36.22 8.82 4.30
CA LEU B 174 35.33 9.94 4.52
C LEU B 174 35.99 11.00 5.41
N PRO B 175 35.63 12.28 5.24
CA PRO B 175 36.35 13.36 5.94
C PRO B 175 36.44 13.20 7.45
N ILE B 176 35.31 13.09 8.13
CA ILE B 176 35.27 13.07 9.58
C ILE B 176 35.17 11.65 10.13
N ILE B 177 34.20 10.88 9.63
CA ILE B 177 33.99 9.54 10.16
C ILE B 177 35.06 8.55 9.70
N GLY B 178 35.81 8.88 8.66
CA GLY B 178 36.82 7.96 8.18
C GLY B 178 36.21 6.74 7.52
N HIS B 179 36.97 5.65 7.52
CA HIS B 179 36.49 4.39 6.97
C HIS B 179 35.37 3.82 7.84
N LEU B 180 34.35 3.28 7.20
CA LEU B 180 33.21 2.68 7.90
C LEU B 180 33.54 1.23 8.21
N GLN B 181 33.75 0.93 9.48
CA GLN B 181 34.07 -0.43 9.91
C GLN B 181 33.17 -0.86 11.06
N ALA C 1 -17.00 10.26 23.88
CA ALA C 1 -18.03 10.50 22.88
C ALA C 1 -18.53 9.18 22.29
N PHE C 2 -17.65 8.18 22.24
CA PHE C 2 -17.98 6.87 21.72
C PHE C 2 -17.99 5.80 22.80
N GLU C 3 -18.08 6.20 24.07
CA GLU C 3 -18.04 5.25 25.18
C GLU C 3 -19.34 4.47 25.33
N ASP C 4 -20.43 4.92 24.72
CA ASP C 4 -21.71 4.22 24.80
C ASP C 4 -22.09 3.58 23.48
N GLU C 5 -21.17 3.53 22.52
CA GLU C 5 -21.48 2.95 21.22
C GLU C 5 -21.50 1.43 21.30
N LEU C 6 -21.72 0.80 20.15
CA LEU C 6 -21.75 -0.66 20.09
C LEU C 6 -20.38 -1.24 20.39
N GLY C 7 -20.35 -2.30 21.17
CA GLY C 7 -19.13 -2.98 21.53
C GLY C 7 -18.58 -2.60 22.90
N ALA C 8 -19.06 -1.51 23.49
CA ALA C 8 -18.65 -1.11 24.83
C ALA C 8 -19.64 -1.71 25.81
N GLN C 9 -19.28 -2.84 26.39
CA GLN C 9 -20.15 -3.65 27.22
C GLN C 9 -19.35 -4.28 28.33
N PRO C 10 -20.00 -4.77 29.38
CA PRO C 10 -19.28 -5.44 30.47
C PRO C 10 -18.51 -6.64 29.95
N PRO C 11 -17.45 -7.06 30.66
CA PRO C 11 -16.99 -6.49 31.92
C PRO C 11 -15.99 -5.34 31.74
N LEU C 12 -15.37 -5.25 30.56
CA LEU C 12 -14.36 -4.22 30.34
C LEU C 12 -14.98 -2.84 30.16
N GLY C 13 -16.24 -2.78 29.75
CA GLY C 13 -16.81 -1.48 29.42
C GLY C 13 -16.16 -0.93 28.16
N PHE C 14 -16.04 0.39 28.10
CA PHE C 14 -15.33 1.01 26.98
C PHE C 14 -13.84 0.72 27.11
N PHE C 15 -13.30 -0.04 26.17
CA PHE C 15 -11.91 -0.51 26.23
C PHE C 15 -11.17 0.04 25.02
N ASP C 16 -10.40 1.10 25.22
CA ASP C 16 -9.57 1.72 24.18
C ASP C 16 -8.17 1.89 24.71
N PRO C 17 -7.38 0.80 24.74
CA PRO C 17 -6.01 0.92 25.28
C PRO C 17 -5.13 1.88 24.48
N PHE C 18 -5.00 1.66 23.18
CA PHE C 18 -4.11 2.49 22.37
C PHE C 18 -4.68 3.89 22.15
N GLY C 19 -5.88 4.19 22.63
CA GLY C 19 -6.43 5.52 22.49
C GLY C 19 -6.75 5.92 21.07
N MET C 20 -7.33 5.00 20.28
CA MET C 20 -7.72 5.34 18.91
C MET C 20 -8.79 6.43 18.89
N LEU C 21 -9.67 6.44 19.89
CA LEU C 21 -10.76 7.40 19.95
C LEU C 21 -10.48 8.54 20.92
N SER C 22 -9.23 8.71 21.34
CA SER C 22 -8.88 9.78 22.27
C SER C 22 -9.05 11.14 21.60
N GLY C 23 -9.34 12.15 22.42
CA GLY C 23 -9.53 13.48 21.90
C GLY C 23 -10.86 13.62 21.15
N ASP C 24 -10.91 14.63 20.29
CA ASP C 24 -12.11 14.91 19.50
C ASP C 24 -12.09 14.04 18.23
N CYS C 25 -12.25 12.75 18.45
CA CYS C 25 -12.29 11.81 17.33
C CYS C 25 -13.57 12.01 16.53
N THR C 26 -13.43 12.01 15.21
CA THR C 26 -14.58 12.20 14.33
C THR C 26 -15.37 10.91 14.19
N GLN C 27 -16.63 11.06 13.78
CA GLN C 27 -17.47 9.89 13.53
C GLN C 27 -16.94 9.08 12.36
N GLU C 28 -16.27 9.72 11.40
CA GLU C 28 -15.71 8.99 10.26
C GLU C 28 -14.63 8.02 10.70
N ARG C 29 -13.74 8.44 11.62
CA ARG C 29 -12.69 7.55 12.08
C ARG C 29 -13.24 6.35 12.83
N PHE C 30 -14.22 6.59 13.71
CA PHE C 30 -14.84 5.47 14.43
C PHE C 30 -15.57 4.54 13.48
N ASP C 31 -16.24 5.11 12.46
CA ASP C 31 -16.93 4.28 11.49
C ASP C 31 -15.94 3.41 10.71
N ARG C 32 -14.79 3.99 10.32
CA ARG C 32 -13.77 3.21 9.63
C ARG C 32 -13.24 2.09 10.52
N LEU C 33 -12.95 2.41 11.78
CA LEU C 33 -12.45 1.40 12.70
C LEU C 33 -13.46 0.29 12.91
N ARG C 34 -14.73 0.65 13.09
CA ARG C 34 -15.77 -0.36 13.30
C ARG C 34 -15.99 -1.20 12.05
N TYR C 35 -15.90 -0.59 10.87
CA TYR C 35 -16.00 -1.36 9.63
C TYR C 35 -14.88 -2.37 9.52
N VAL C 36 -13.65 -1.94 9.82
CA VAL C 36 -12.51 -2.86 9.77
C VAL C 36 -12.70 -3.98 10.78
N GLU C 37 -13.14 -3.63 11.99
CA GLU C 37 -13.35 -4.64 13.03
C GLU C 37 -14.40 -5.66 12.62
N ILE C 38 -15.51 -5.19 12.05
CA ILE C 38 -16.59 -6.10 11.66
C ILE C 38 -16.17 -6.98 10.50
N LYS C 39 -15.46 -6.40 9.52
CA LYS C 39 -14.96 -7.19 8.41
C LYS C 39 -14.03 -8.30 8.89
N HIS C 40 -13.08 -7.94 9.76
CA HIS C 40 -12.16 -8.93 10.30
C HIS C 40 -12.90 -9.98 11.11
N GLY C 41 -13.91 -9.56 11.87
CA GLY C 41 -14.66 -10.50 12.67
C GLY C 41 -15.43 -11.51 11.84
N ARG C 42 -16.08 -11.03 10.78
CA ARG C 42 -16.80 -11.94 9.90
C ARG C 42 -15.85 -12.91 9.20
N ILE C 43 -14.73 -12.39 8.69
CA ILE C 43 -13.77 -13.26 8.03
C ILE C 43 -13.23 -14.30 8.99
N ALA C 44 -12.93 -13.89 10.23
CA ALA C 44 -12.39 -14.81 11.22
C ALA C 44 -13.43 -15.83 11.67
N GLN C 45 -14.70 -15.44 11.77
CA GLN C 45 -15.74 -16.40 12.10
C GLN C 45 -15.84 -17.47 11.03
N LEU C 46 -15.84 -17.05 9.76
CA LEU C 46 -15.87 -18.02 8.68
C LEU C 46 -14.62 -18.91 8.69
N ALA C 47 -13.46 -18.31 8.98
CA ALA C 47 -12.22 -19.09 9.01
C ALA C 47 -12.24 -20.12 10.12
N PHE C 48 -12.71 -19.74 11.31
CA PHE C 48 -12.80 -20.70 12.41
C PHE C 48 -13.79 -21.81 12.11
N LEU C 49 -14.93 -21.47 11.52
CA LEU C 49 -15.90 -22.50 11.15
C LEU C 49 -15.28 -23.47 10.14
N GLY C 50 -14.57 -22.94 9.15
CA GLY C 50 -13.94 -23.80 8.16
C GLY C 50 -12.87 -24.69 8.77
N GLN C 51 -12.06 -24.13 9.67
CA GLN C 51 -11.05 -24.93 10.36
C GLN C 51 -11.70 -26.06 11.16
N ILE C 52 -12.77 -25.76 11.88
CA ILE C 52 -13.43 -26.77 12.70
C ILE C 52 -14.01 -27.86 11.81
N VAL C 53 -14.69 -27.47 10.73
CA VAL C 53 -15.30 -28.45 9.84
C VAL C 53 -14.24 -29.33 9.20
N THR C 54 -13.14 -28.73 8.74
CA THR C 54 -12.09 -29.51 8.09
C THR C 54 -11.41 -30.45 9.08
N ARG C 55 -11.10 -29.97 10.29
CA ARG C 55 -10.42 -30.79 11.27
C ARG C 55 -11.34 -31.82 11.92
N ALA C 56 -12.65 -31.68 11.77
CA ALA C 56 -13.58 -32.68 12.30
C ALA C 56 -13.75 -33.87 11.38
N GLY C 57 -13.10 -33.87 10.22
CA GLY C 57 -13.21 -34.97 9.29
C GLY C 57 -14.26 -34.81 8.21
N ILE C 58 -14.81 -33.61 8.05
CA ILE C 58 -15.84 -33.34 7.05
C ILE C 58 -15.17 -32.66 5.86
N HIS C 59 -15.26 -33.29 4.69
CA HIS C 59 -14.67 -32.76 3.47
C HIS C 59 -15.67 -32.89 2.34
N LEU C 60 -15.51 -32.03 1.34
CA LEU C 60 -16.37 -32.07 0.17
C LEU C 60 -16.15 -33.38 -0.59
N PRO C 61 -17.21 -34.00 -1.10
CA PRO C 61 -17.03 -35.22 -1.89
C PRO C 61 -16.39 -34.94 -3.24
N GLY C 62 -15.66 -35.93 -3.74
CA GLY C 62 -15.06 -35.82 -5.05
C GLY C 62 -13.60 -35.41 -5.04
N SER C 63 -13.14 -34.77 -6.10
CA SER C 63 -11.76 -34.36 -6.24
C SER C 63 -11.68 -32.87 -6.52
N ILE C 64 -10.57 -32.26 -6.10
CA ILE C 64 -10.38 -30.82 -6.30
C ILE C 64 -9.91 -30.47 -7.69
N ASN C 65 -9.46 -31.45 -8.47
CA ASN C 65 -8.98 -31.20 -9.82
C ASN C 65 -9.15 -32.46 -10.65
N TYR C 66 -8.89 -32.33 -11.96
CA TYR C 66 -8.99 -33.46 -12.85
C TYR C 66 -7.90 -34.49 -12.61
N ALA C 67 -6.83 -34.13 -11.91
CA ALA C 67 -5.75 -35.08 -11.64
C ALA C 67 -6.24 -36.24 -10.79
N GLY C 68 -7.15 -35.97 -9.87
CA GLY C 68 -7.69 -37.01 -9.01
C GLY C 68 -7.40 -36.79 -7.54
N ASP C 69 -6.87 -35.62 -7.21
CA ASP C 69 -6.55 -35.28 -5.83
C ASP C 69 -7.85 -35.09 -5.06
N SER C 70 -8.18 -36.06 -4.20
CA SER C 70 -9.41 -36.00 -3.44
C SER C 70 -9.37 -34.87 -2.43
N PHE C 71 -10.55 -34.36 -2.08
CA PHE C 71 -10.63 -33.29 -1.11
C PHE C 71 -10.12 -33.73 0.25
N ASP C 72 -10.47 -34.95 0.67
CA ASP C 72 -10.03 -35.46 1.97
C ASP C 72 -8.64 -36.07 1.87
N SER C 73 -7.70 -35.34 1.28
CA SER C 73 -6.30 -35.74 1.22
C SER C 73 -5.33 -34.63 1.56
N PHE C 74 -5.72 -33.37 1.46
CA PHE C 74 -4.88 -32.26 1.82
C PHE C 74 -4.92 -32.03 3.33
N PRO C 75 -3.87 -31.44 3.89
CA PRO C 75 -3.85 -31.21 5.34
C PRO C 75 -4.85 -30.15 5.78
N ASN C 76 -4.86 -29.84 7.07
CA ASN C 76 -5.76 -28.84 7.63
C ASN C 76 -4.95 -27.63 8.09
N GLY C 77 -5.51 -26.44 7.90
CA GLY C 77 -4.87 -25.23 8.33
C GLY C 77 -3.99 -24.60 7.26
N VAL C 78 -2.91 -23.96 7.67
CA VAL C 78 -2.03 -23.27 6.73
C VAL C 78 -1.45 -24.24 5.71
N ALA C 79 -1.20 -25.48 6.12
CA ALA C 79 -0.65 -26.48 5.21
C ALA C 79 -1.59 -26.81 4.07
N ALA C 80 -2.89 -26.50 4.22
CA ALA C 80 -3.83 -26.73 3.12
C ALA C 80 -3.68 -25.72 2.01
N LEU C 81 -3.24 -24.50 2.33
CA LEU C 81 -3.06 -23.44 1.34
C LEU C 81 -1.60 -23.20 0.99
N PHE C 82 -0.74 -23.04 1.98
CA PHE C 82 0.67 -22.75 1.78
C PHE C 82 1.49 -23.92 2.33
N GLY C 83 2.17 -24.63 1.44
CA GLY C 83 2.98 -25.76 1.83
C GLY C 83 3.39 -26.60 0.66
N PRO C 84 4.19 -27.65 0.91
CA PRO C 84 4.61 -28.54 -0.17
C PRO C 84 3.44 -29.32 -0.75
N ASN C 85 2.66 -29.94 0.12
CA ASN C 85 1.48 -30.71 -0.28
C ASN C 85 0.23 -29.95 0.15
N SER C 86 -0.21 -29.04 -0.71
CA SER C 86 -1.40 -28.23 -0.48
C SER C 86 -2.33 -28.35 -1.68
N ILE C 87 -3.42 -27.60 -1.65
CA ILE C 87 -4.36 -27.56 -2.78
C ILE C 87 -3.63 -26.89 -3.93
N PRO C 88 -4.02 -27.14 -5.18
CA PRO C 88 -3.33 -26.52 -6.31
C PRO C 88 -3.36 -25.01 -6.21
N THR C 89 -2.24 -24.37 -6.55
CA THR C 89 -2.15 -22.92 -6.46
C THR C 89 -3.13 -22.24 -7.42
N ALA C 90 -3.56 -22.94 -8.47
CA ALA C 90 -4.64 -22.42 -9.30
C ALA C 90 -5.92 -22.28 -8.49
N GLY C 91 -6.21 -23.25 -7.63
CA GLY C 91 -7.37 -23.13 -6.77
C GLY C 91 -7.27 -21.96 -5.81
N LEU C 92 -6.09 -21.72 -5.24
CA LEU C 92 -5.90 -20.59 -4.36
C LEU C 92 -6.06 -19.28 -5.12
N VAL C 93 -5.52 -19.19 -6.33
CA VAL C 93 -5.66 -17.99 -7.13
C VAL C 93 -7.13 -17.73 -7.45
N GLN C 94 -7.87 -18.79 -7.81
CA GLN C 94 -9.29 -18.62 -8.11
C GLN C 94 -10.07 -18.22 -6.87
N ILE C 95 -9.71 -18.76 -5.70
CA ILE C 95 -10.38 -18.36 -4.47
C ILE C 95 -10.13 -16.88 -4.17
N ILE C 96 -8.89 -16.44 -4.34
CA ILE C 96 -8.56 -15.03 -4.10
C ILE C 96 -9.31 -14.14 -5.10
N ALA C 97 -9.40 -14.57 -6.36
CA ALA C 97 -10.13 -13.80 -7.36
C ALA C 97 -11.61 -13.72 -7.02
N PHE C 98 -12.19 -14.83 -6.55
CA PHE C 98 -13.59 -14.82 -6.15
C PHE C 98 -13.82 -13.89 -4.98
N ILE C 99 -12.90 -13.90 -4.00
CA ILE C 99 -13.02 -12.99 -2.86
C ILE C 99 -12.93 -11.55 -3.30
N GLY C 100 -12.01 -11.26 -4.23
CA GLY C 100 -11.91 -9.91 -4.77
C GLY C 100 -13.16 -9.49 -5.50
N VAL C 101 -13.76 -10.39 -6.26
CA VAL C 101 -15.02 -10.10 -6.94
C VAL C 101 -16.10 -9.80 -5.91
N LEU C 102 -16.17 -10.60 -4.84
CA LEU C 102 -17.16 -10.39 -3.80
C LEU C 102 -17.00 -9.03 -3.15
N GLU C 103 -15.75 -8.63 -2.86
CA GLU C 103 -15.54 -7.36 -2.19
C GLU C 103 -15.79 -6.19 -3.12
N CYS C 104 -15.41 -6.31 -4.39
CA CYS C 104 -15.60 -5.20 -5.32
C CYS C 104 -17.08 -5.01 -5.66
N ALA C 105 -17.81 -6.09 -5.89
CA ALA C 105 -19.16 -6.02 -6.41
C ALA C 105 -20.25 -6.36 -5.41
N PHE C 106 -20.00 -7.27 -4.48
CA PHE C 106 -21.06 -7.82 -3.63
C PHE C 106 -20.95 -7.35 -2.18
N MET C 107 -19.80 -7.59 -1.53
CA MET C 107 -19.65 -7.25 -0.12
C MET C 107 -19.19 -5.80 -0.01
N ARG C 108 -20.16 -4.90 -0.20
CA ARG C 108 -19.88 -3.47 -0.17
C ARG C 108 -21.12 -2.72 0.30
N ASP C 109 -20.91 -1.52 0.78
CA ASP C 109 -21.99 -0.63 1.22
C ASP C 109 -22.32 0.31 0.05
N VAL C 110 -23.36 -0.03 -0.70
CA VAL C 110 -23.79 0.78 -1.82
C VAL C 110 -24.48 2.03 -1.29
N PRO C 111 -24.01 3.22 -1.65
CA PRO C 111 -24.62 4.45 -1.10
C PRO C 111 -26.06 4.62 -1.56
N GLY C 112 -26.86 5.20 -0.68
CA GLY C 112 -28.25 5.48 -1.00
C GLY C 112 -29.08 4.25 -1.26
N THR C 113 -28.88 3.19 -0.48
CA THR C 113 -29.63 1.95 -0.64
C THR C 113 -30.39 1.53 0.61
N GLY C 114 -30.32 2.31 1.68
CA GLY C 114 -31.07 2.02 2.89
C GLY C 114 -30.28 1.40 4.02
N ASN C 115 -28.96 1.24 3.87
CA ASN C 115 -28.15 0.73 4.95
C ASN C 115 -28.19 1.69 6.13
N GLU C 116 -28.39 1.14 7.33
CA GLU C 116 -28.66 1.95 8.50
C GLU C 116 -27.55 1.97 9.54
N HIS C 117 -26.49 1.18 9.35
CA HIS C 117 -25.37 1.20 10.29
C HIS C 117 -24.14 0.64 9.59
N VAL C 118 -22.98 0.85 10.22
CA VAL C 118 -21.73 0.37 9.68
C VAL C 118 -21.71 -1.15 9.72
N GLY C 119 -21.37 -1.77 8.60
CA GLY C 119 -21.42 -3.22 8.47
C GLY C 119 -22.67 -3.75 7.81
N ASP C 120 -23.68 -2.90 7.61
CA ASP C 120 -24.91 -3.29 6.93
C ASP C 120 -24.64 -3.34 5.43
N PHE C 121 -24.69 -4.54 4.85
CA PHE C 121 -24.47 -4.74 3.43
C PHE C 121 -25.74 -5.14 2.70
N ARG C 122 -26.90 -5.02 3.33
CA ARG C 122 -28.13 -5.50 2.71
C ARG C 122 -28.42 -4.78 1.40
N ASN C 123 -28.23 -3.47 1.37
CA ASN C 123 -28.41 -2.65 0.16
C ASN C 123 -29.80 -2.78 -0.43
N GLY C 124 -30.78 -3.17 0.38
CA GLY C 124 -32.13 -3.37 -0.10
C GLY C 124 -32.33 -4.59 -0.97
N TYR C 125 -31.31 -5.43 -1.13
CA TYR C 125 -31.39 -6.60 -1.99
C TYR C 125 -31.73 -7.86 -1.19
N ILE C 126 -30.89 -8.21 -0.22
CA ILE C 126 -31.05 -9.44 0.55
C ILE C 126 -31.40 -9.05 1.99
N ASP C 127 -32.53 -9.54 2.47
CA ASP C 127 -32.98 -9.27 3.84
C ASP C 127 -33.75 -10.47 4.33
N PHE C 128 -33.32 -11.05 5.44
CA PHE C 128 -33.94 -12.24 6.00
C PHE C 128 -34.93 -11.91 7.12
N GLY C 129 -35.37 -10.66 7.21
CA GLY C 129 -36.31 -10.29 8.24
C GLY C 129 -35.79 -9.28 9.24
N TRP C 130 -34.95 -8.36 8.79
CA TRP C 130 -34.39 -7.35 9.67
C TRP C 130 -35.40 -6.22 9.89
N ASP C 131 -36.65 -6.58 10.20
CA ASP C 131 -37.64 -5.63 10.64
C ASP C 131 -38.52 -6.14 11.78
N SER C 132 -38.54 -7.44 12.04
CA SER C 132 -39.30 -7.97 13.17
C SER C 132 -38.62 -7.67 14.49
N PHE C 133 -37.30 -7.58 14.49
CA PHE C 133 -36.56 -7.20 15.70
C PHE C 133 -36.86 -5.75 16.05
N ASP C 134 -37.08 -5.49 17.33
CA ASP C 134 -37.27 -4.13 17.80
C ASP C 134 -35.91 -3.47 17.97
N GLU C 135 -35.89 -2.26 18.55
CA GLU C 135 -34.63 -1.52 18.65
C GLU C 135 -33.61 -2.25 19.52
N GLU C 136 -34.06 -2.82 20.64
CA GLU C 136 -33.13 -3.48 21.54
C GLU C 136 -32.58 -4.78 20.95
N THR C 137 -33.45 -5.56 20.30
CA THR C 137 -33.01 -6.83 19.72
C THR C 137 -32.01 -6.60 18.60
N LYS C 138 -32.19 -5.55 17.80
CA LYS C 138 -31.23 -5.24 16.74
C LYS C 138 -29.85 -4.96 17.32
N LEU C 139 -29.79 -4.14 18.37
CA LEU C 139 -28.52 -3.84 19.01
C LEU C 139 -27.92 -5.10 19.62
N GLN C 140 -28.75 -5.95 20.22
CA GLN C 140 -28.25 -7.18 20.81
C GLN C 140 -27.64 -8.09 19.75
N LYS C 141 -28.31 -8.24 18.60
CA LYS C 141 -27.78 -9.07 17.53
C LYS C 141 -26.48 -8.50 16.98
N ARG C 142 -26.42 -7.17 16.81
CA ARG C 142 -25.19 -6.55 16.33
C ARG C 142 -24.04 -6.76 17.31
N ALA C 143 -24.33 -6.62 18.61
CA ALA C 143 -23.30 -6.85 19.62
C ALA C 143 -22.84 -8.29 19.64
N ILE C 144 -23.78 -9.24 19.47
CA ILE C 144 -23.41 -10.64 19.40
C ILE C 144 -22.49 -10.89 18.21
N GLU C 145 -22.83 -10.32 17.06
CA GLU C 145 -21.99 -10.49 15.87
C GLU C 145 -20.60 -9.91 16.11
N LEU C 146 -20.52 -8.71 16.70
CA LEU C 146 -19.23 -8.07 16.92
C LEU C 146 -18.37 -8.85 17.90
N ASN C 147 -18.96 -9.28 19.01
CA ASN C 147 -18.18 -10.01 20.02
C ASN C 147 -17.75 -11.37 19.51
N ASN C 148 -18.63 -12.06 18.78
CA ASN C 148 -18.22 -13.33 18.17
C ASN C 148 -17.13 -13.10 17.15
N GLY C 149 -17.16 -11.98 16.44
CA GLY C 149 -16.08 -11.67 15.52
C GLY C 149 -14.75 -11.45 16.23
N ARG C 150 -14.77 -10.74 17.35
CA ARG C 150 -13.54 -10.56 18.13
C ARG C 150 -13.01 -11.88 18.63
N ALA C 151 -13.90 -12.70 19.21
CA ALA C 151 -13.48 -14.00 19.73
C ALA C 151 -12.94 -14.88 18.62
N ALA C 152 -13.57 -14.86 17.45
CA ALA C 152 -13.10 -15.66 16.33
C ALA C 152 -11.79 -15.14 15.77
N MET C 153 -11.58 -13.82 15.78
CA MET C 153 -10.28 -13.28 15.42
C MET C 153 -9.19 -13.87 16.29
N MET C 154 -9.38 -13.79 17.61
CA MET C 154 -8.36 -14.31 18.51
C MET C 154 -8.21 -15.82 18.35
N GLY C 155 -9.32 -16.53 18.17
CA GLY C 155 -9.25 -17.97 18.04
C GLY C 155 -8.55 -18.43 16.77
N ILE C 156 -8.84 -17.78 15.64
CA ILE C 156 -8.17 -18.16 14.40
C ILE C 156 -6.69 -17.79 14.45
N LEU C 157 -6.35 -16.67 15.09
CA LEU C 157 -4.94 -16.35 15.27
C LEU C 157 -4.26 -17.44 16.08
N GLY C 158 -4.89 -17.88 17.17
CA GLY C 158 -4.31 -18.95 17.96
C GLY C 158 -4.20 -20.26 17.20
N LEU C 159 -5.20 -20.57 16.37
CA LEU C 159 -5.16 -21.79 15.58
C LEU C 159 -3.99 -21.79 14.60
N MET C 160 -3.83 -20.69 13.86
CA MET C 160 -2.69 -20.61 12.94
C MET C 160 -1.36 -20.64 13.69
N VAL C 161 -1.27 -19.94 14.83
CA VAL C 161 -0.03 -19.92 15.59
C VAL C 161 0.32 -21.32 16.06
N HIS C 162 -0.66 -22.05 16.60
CA HIS C 162 -0.41 -23.40 17.09
C HIS C 162 -0.07 -24.35 15.95
N GLU C 163 -0.71 -24.18 14.80
CA GLU C 163 -0.40 -25.03 13.66
C GLU C 163 1.00 -24.74 13.11
N GLU C 164 1.49 -23.52 13.29
CA GLU C 164 2.79 -23.14 12.77
C GLU C 164 3.94 -23.37 13.75
N ILE C 165 3.67 -23.69 15.01
CA ILE C 165 4.72 -23.92 15.99
C ILE C 165 4.96 -25.40 16.27
N ILE C 166 4.11 -26.30 15.75
CA ILE C 166 4.34 -27.72 15.94
C ILE C 166 5.66 -28.18 15.33
N PRO C 167 6.03 -27.77 14.10
CA PRO C 167 7.36 -28.17 13.59
C PRO C 167 8.51 -27.67 14.45
N LEU C 168 8.33 -26.56 15.18
CA LEU C 168 9.39 -26.02 16.01
C LEU C 168 9.47 -26.69 17.37
N GLY C 169 8.63 -27.68 17.65
CA GLY C 169 8.68 -28.41 18.90
C GLY C 169 7.67 -28.03 19.94
N TYR C 170 6.76 -27.10 19.62
CA TYR C 170 5.71 -26.67 20.54
C TYR C 170 4.41 -27.34 20.09
N ASP C 171 4.12 -28.50 20.67
CA ASP C 171 2.93 -29.29 20.32
C ASP C 171 2.18 -29.61 21.60
N PRO C 172 1.44 -28.65 22.15
CA PRO C 172 0.68 -28.89 23.38
C PRO C 172 -0.62 -29.62 23.09
N ASP C 173 -1.22 -30.13 24.16
CA ASP C 173 -2.53 -30.77 24.09
C ASP C 173 -3.58 -29.71 24.39
N LEU C 174 -4.14 -29.11 23.34
CA LEU C 174 -5.11 -28.05 23.52
C LEU C 174 -6.39 -28.59 24.16
N PRO C 175 -7.09 -27.77 24.95
CA PRO C 175 -8.20 -28.27 25.76
C PRO C 175 -9.28 -29.03 25.00
N ILE C 176 -9.90 -28.39 24.01
CA ILE C 176 -11.03 -28.97 23.30
C ILE C 176 -10.60 -29.64 22.01
N ILE C 177 -9.82 -28.94 21.19
CA ILE C 177 -9.42 -29.48 19.88
C ILE C 177 -8.35 -30.54 19.99
N GLY C 178 -7.74 -30.72 21.17
CA GLY C 178 -6.70 -31.72 21.31
C GLY C 178 -5.44 -31.31 20.56
N HIS C 179 -4.63 -32.32 20.21
CA HIS C 179 -3.44 -32.06 19.40
C HIS C 179 -3.85 -31.56 18.02
N LEU C 180 -3.23 -30.47 17.59
CA LEU C 180 -3.64 -29.78 16.36
C LEU C 180 -2.97 -30.44 15.16
N GLN C 181 -3.43 -31.65 14.86
CA GLN C 181 -2.92 -32.41 13.72
C GLN C 181 -3.64 -32.02 12.44
#